data_7CID
#
_entry.id   7CID
#
_cell.length_a   35.688
_cell.length_b   84.225
_cell.length_c   93.423
_cell.angle_alpha   90.00
_cell.angle_beta   90.00
_cell.angle_gamma   90.00
#
_symmetry.space_group_name_H-M   'P 21 21 21'
#
loop_
_entity.id
_entity.type
_entity.pdbx_description
1 polymer 'UDP-3-O-acyl-N-acetylglucosamine deacetylase'
2 non-polymer 1-[3-(4-chlorophenyl)propyl]imidazole
3 non-polymer 'DIMETHYL SULFOXIDE'
4 non-polymer 'ZINC ION'
5 water water
#
_entity_poly.entity_id   1
_entity_poly.type   'polypeptide(L)'
_entity_poly.pdbx_seq_one_letter_code
;MIKQRTLKNIIRATGVGLHSGEKVYLTLKPAPVDTGIVFSRTDLDPVVEIPARAENVGETTMSTTLVKGDVKVDTVEHLL
SAMAGLGIDNAYVELSASEVPIMDGSAGPFVFLIQSAGLQEQEAAKKFIRIKREVSVEEGDKRAVFVPFDGFKVSFEIDF
DHPVFRGRTQQASVDFSSTSFVKEVSRARTFGFMRDIEYLRSQNLALGGSVENAIVVDENRVLNEDGLRYEDEFVKHKIL
DAIGDLYLLGNSLIGEFRGFKSGHALNNQLLRTLIADKDAWEVVTFEDARTAPISYMRP
;
_entity_poly.pdbx_strand_id   A
#
loop_
_chem_comp.id
_chem_comp.type
_chem_comp.name
_chem_comp.formula
DMS non-polymer 'DIMETHYL SULFOXIDE' 'C2 H6 O S'
FZ3 non-polymer 1-[3-(4-chlorophenyl)propyl]imidazole 'C12 H13 Cl N2'
ZN non-polymer 'ZINC ION' 'Zn 2'
#
# COMPACT_ATOMS: atom_id res chain seq x y z
N MET A 1 14.76 20.12 -14.47
CA MET A 1 13.80 18.98 -14.48
C MET A 1 13.72 18.32 -13.09
N ILE A 2 12.63 17.61 -12.85
CA ILE A 2 12.46 16.69 -11.68
C ILE A 2 13.04 15.34 -12.08
N LYS A 3 13.92 14.77 -11.25
CA LYS A 3 14.72 13.58 -11.62
C LYS A 3 14.27 12.35 -10.85
N GLN A 4 14.68 11.18 -11.33
CA GLN A 4 14.22 9.89 -10.79
C GLN A 4 14.96 9.64 -9.48
N ARG A 5 14.44 8.70 -8.69
CA ARG A 5 14.98 8.42 -7.35
C ARG A 5 15.15 6.92 -7.11
N THR A 6 16.29 6.56 -6.50
CA THR A 6 16.58 5.22 -5.94
C THR A 6 17.25 5.40 -4.57
N LEU A 7 17.77 4.31 -3.98
CA LEU A 7 18.43 4.32 -2.65
C LEU A 7 19.95 4.47 -2.80
N LYS A 8 20.61 4.85 -1.71
CA LYS A 8 22.08 5.02 -1.73
C LYS A 8 22.75 3.76 -1.22
N ASN A 9 22.15 3.06 -0.25
CA ASN A 9 22.82 1.88 0.35
C ASN A 9 21.82 0.74 0.49
N ILE A 10 22.34 -0.47 0.62
CA ILE A 10 21.54 -1.69 0.87
C ILE A 10 21.03 -1.56 2.29
N ILE A 11 19.89 -2.20 2.58
CA ILE A 11 19.22 -2.17 3.91
C ILE A 11 18.59 -3.51 4.23
N ARG A 12 18.70 -3.99 5.45
CA ARG A 12 17.96 -5.23 5.84
C ARG A 12 17.01 -4.96 7.00
N ALA A 13 15.98 -5.81 7.10
CA ALA A 13 15.05 -5.82 8.24
C ALA A 13 14.42 -7.21 8.35
N THR A 14 13.71 -7.46 9.43
CA THR A 14 13.21 -8.80 9.79
C THR A 14 11.81 -8.72 10.39
N GLY A 15 11.05 -9.81 10.29
CA GLY A 15 9.70 -9.84 10.88
C GLY A 15 8.88 -11.03 10.45
N VAL A 16 7.61 -11.03 10.87
CA VAL A 16 6.64 -12.14 10.61
C VAL A 16 5.64 -11.69 9.56
N GLY A 17 5.15 -12.66 8.79
CA GLY A 17 4.08 -12.43 7.83
C GLY A 17 2.73 -12.41 8.52
N LEU A 18 1.97 -11.35 8.32
CA LEU A 18 0.65 -11.17 8.98
C LEU A 18 -0.22 -12.43 8.79
N HIS A 19 -0.45 -12.86 7.54
CA HIS A 19 -1.23 -14.08 7.24
C HIS A 19 -0.43 -15.36 7.47
N SER A 20 0.84 -15.44 7.01
CA SER A 20 1.62 -16.71 6.92
C SER A 20 2.08 -17.18 8.32
N GLY A 21 2.54 -16.25 9.17
CA GLY A 21 3.12 -16.58 10.50
C GLY A 21 4.63 -16.78 10.45
N GLU A 22 5.22 -16.93 9.26
CA GLU A 22 6.64 -17.32 9.06
C GLU A 22 7.60 -16.15 9.36
N LYS A 23 8.78 -16.45 9.92
CA LYS A 23 9.85 -15.44 10.03
C LYS A 23 10.41 -15.18 8.63
N VAL A 24 10.63 -13.93 8.26
CA VAL A 24 11.04 -13.53 6.89
C VAL A 24 12.11 -12.43 6.96
N TYR A 25 13.10 -12.51 6.08
CA TYR A 25 14.19 -11.51 5.93
C TYR A 25 13.89 -10.65 4.72
N LEU A 26 13.98 -9.34 4.89
CA LEU A 26 13.76 -8.37 3.79
C LEU A 26 15.04 -7.59 3.53
N THR A 27 15.38 -7.43 2.24
CA THR A 27 16.53 -6.60 1.81
C THR A 27 16.07 -5.60 0.75
N LEU A 28 16.48 -4.33 0.89
CA LEU A 28 16.24 -3.27 -0.14
C LEU A 28 17.58 -2.87 -0.76
N LYS A 29 17.67 -2.87 -2.10
CA LYS A 29 18.87 -2.37 -2.81
C LYS A 29 18.49 -1.26 -3.78
N PRO A 30 19.48 -0.45 -4.21
CA PRO A 30 19.33 0.45 -5.35
C PRO A 30 19.14 -0.24 -6.72
N ALA A 31 18.61 0.50 -7.71
CA ALA A 31 18.23 -0.01 -9.04
C ALA A 31 18.51 1.04 -10.11
N PRO A 32 18.81 0.62 -11.36
CA PRO A 32 18.95 1.59 -12.43
C PRO A 32 17.63 2.31 -12.79
N VAL A 33 17.78 3.38 -13.55
CA VAL A 33 16.68 4.15 -14.18
C VAL A 33 15.68 3.20 -14.86
N ASP A 34 14.39 3.55 -14.81
CA ASP A 34 13.27 2.88 -15.55
C ASP A 34 13.11 1.40 -15.14
N THR A 35 13.47 1.04 -13.90
CA THR A 35 13.36 -0.33 -13.33
C THR A 35 12.01 -0.48 -12.60
N GLY A 36 11.52 0.57 -11.96
CA GLY A 36 10.31 0.49 -11.11
C GLY A 36 10.62 -0.17 -9.77
N ILE A 37 9.62 -0.56 -9.01
CA ILE A 37 9.84 -1.38 -7.78
C ILE A 37 9.68 -2.84 -8.20
N VAL A 38 10.62 -3.71 -7.82
CA VAL A 38 10.64 -5.15 -8.27
C VAL A 38 10.85 -6.05 -7.05
N PHE A 39 9.93 -6.99 -6.80
CA PHE A 39 10.07 -7.96 -5.70
C PHE A 39 10.80 -9.21 -6.18
N SER A 40 11.70 -9.73 -5.36
CA SER A 40 12.53 -10.91 -5.70
C SER A 40 12.48 -11.96 -4.57
N ARG A 41 12.06 -13.17 -4.88
CA ARG A 41 12.16 -14.32 -3.96
C ARG A 41 13.56 -14.94 -4.08
N THR A 42 14.43 -14.70 -3.08
CA THR A 42 15.87 -15.11 -3.08
C THR A 42 16.05 -16.50 -2.45
N ASP A 43 14.98 -17.04 -1.87
CA ASP A 43 14.95 -18.38 -1.25
C ASP A 43 14.73 -19.49 -2.30
N LEU A 44 14.53 -19.15 -3.58
CA LEU A 44 14.19 -20.17 -4.59
C LEU A 44 15.28 -20.22 -5.67
N ASP A 45 15.48 -21.43 -6.21
CA ASP A 45 16.41 -21.72 -7.32
C ASP A 45 15.60 -22.31 -8.46
N PRO A 46 15.30 -21.57 -9.55
CA PRO A 46 15.78 -20.21 -9.78
C PRO A 46 15.08 -19.11 -8.94
N VAL A 47 15.73 -17.95 -8.81
CA VAL A 47 15.18 -16.72 -8.17
C VAL A 47 14.03 -16.22 -9.02
N VAL A 48 12.92 -15.83 -8.39
CA VAL A 48 11.72 -15.30 -9.10
C VAL A 48 11.60 -13.79 -8.89
N GLU A 49 11.63 -13.00 -9.97
CA GLU A 49 11.48 -11.51 -9.94
C GLU A 49 10.09 -11.12 -10.46
N ILE A 50 9.41 -10.24 -9.75
CA ILE A 50 8.03 -9.79 -10.08
C ILE A 50 7.98 -8.29 -9.95
N PRO A 51 7.85 -7.54 -11.07
CA PRO A 51 7.57 -6.11 -10.99
C PRO A 51 6.28 -5.80 -10.22
N ALA A 52 6.31 -4.66 -9.53
CA ALA A 52 5.20 -4.14 -8.69
C ALA A 52 4.25 -3.37 -9.60
N ARG A 53 3.58 -4.11 -10.49
CA ARG A 53 2.66 -3.55 -11.52
C ARG A 53 1.32 -4.31 -11.53
N ALA A 54 0.26 -3.58 -11.84
CA ALA A 54 -1.14 -4.03 -11.71
C ALA A 54 -1.32 -5.38 -12.42
N GLU A 55 -0.52 -5.60 -13.47
CA GLU A 55 -0.60 -6.82 -14.33
C GLU A 55 -0.22 -8.09 -13.56
N ASN A 56 0.56 -7.97 -12.47
CA ASN A 56 1.05 -9.17 -11.72
C ASN A 56 0.17 -9.47 -10.50
N VAL A 57 -1.01 -8.86 -10.35
CA VAL A 57 -1.84 -9.03 -9.13
C VAL A 57 -2.66 -10.32 -9.28
N GLY A 58 -2.40 -11.33 -8.47
CA GLY A 58 -3.10 -12.64 -8.56
C GLY A 58 -4.36 -12.70 -7.71
N GLU A 59 -4.24 -12.50 -6.40
CA GLU A 59 -5.40 -12.43 -5.46
C GLU A 59 -5.49 -11.05 -4.80
N THR A 60 -6.68 -10.73 -4.28
CA THR A 60 -6.98 -9.41 -3.66
C THR A 60 -7.92 -9.61 -2.45
N THR A 61 -7.85 -10.77 -1.83
CA THR A 61 -8.77 -11.13 -0.72
C THR A 61 -8.11 -10.77 0.63
N MET A 62 -8.36 -9.55 1.11
CA MET A 62 -7.88 -8.98 2.41
C MET A 62 -6.35 -8.84 2.45
N SER A 63 -5.68 -8.88 1.29
CA SER A 63 -4.35 -8.24 1.04
C SER A 63 -4.20 -8.08 -0.47
N THR A 64 -3.17 -7.39 -0.92
CA THR A 64 -2.75 -7.38 -2.34
C THR A 64 -1.60 -8.37 -2.51
N THR A 65 -1.73 -9.27 -3.47
CA THR A 65 -0.83 -10.43 -3.64
C THR A 65 -0.27 -10.40 -5.04
N LEU A 66 1.05 -10.30 -5.17
CA LEU A 66 1.74 -10.42 -6.48
C LEU A 66 1.91 -11.91 -6.80
N VAL A 67 1.61 -12.31 -8.04
CA VAL A 67 1.76 -13.72 -8.49
C VAL A 67 2.54 -13.79 -9.81
N LYS A 68 3.30 -14.86 -9.98
CA LYS A 68 4.01 -15.15 -11.25
C LYS A 68 4.19 -16.66 -11.35
N GLY A 69 3.56 -17.27 -12.33
CA GLY A 69 3.39 -18.73 -12.41
C GLY A 69 2.76 -19.26 -11.13
N ASP A 70 3.57 -19.98 -10.35
CA ASP A 70 3.15 -20.79 -9.18
C ASP A 70 3.65 -20.10 -7.91
N VAL A 71 4.26 -18.92 -8.02
CA VAL A 71 5.05 -18.30 -6.91
C VAL A 71 4.34 -17.02 -6.43
N LYS A 72 4.26 -16.80 -5.10
CA LYS A 72 3.54 -15.64 -4.48
C LYS A 72 4.50 -14.63 -3.81
N VAL A 73 4.12 -13.35 -3.85
CA VAL A 73 4.57 -12.34 -2.85
C VAL A 73 3.32 -11.65 -2.29
N ASP A 74 3.11 -11.83 -1.00
CA ASP A 74 1.84 -11.51 -0.31
C ASP A 74 2.00 -10.17 0.42
N THR A 75 0.93 -9.37 0.43
CA THR A 75 0.75 -8.19 1.32
C THR A 75 1.83 -7.14 1.03
N VAL A 76 1.78 -6.56 -0.16
CA VAL A 76 2.82 -5.59 -0.61
C VAL A 76 2.36 -4.15 -0.40
N GLU A 77 1.08 -3.90 -0.10
CA GLU A 77 0.48 -2.53 -0.11
C GLU A 77 1.21 -1.53 0.83
N HIS A 78 1.65 -1.89 2.03
CA HIS A 78 2.18 -0.88 3.01
C HIS A 78 3.57 -0.39 2.57
N LEU A 79 4.46 -1.32 2.21
CA LEU A 79 5.81 -1.01 1.62
C LEU A 79 5.66 -0.09 0.40
N LEU A 80 4.69 -0.34 -0.50
CA LEU A 80 4.52 0.47 -1.73
C LEU A 80 3.93 1.86 -1.39
N SER A 81 3.00 1.92 -0.42
CA SER A 81 2.53 3.17 0.22
C SER A 81 3.74 3.99 0.67
N ALA A 82 4.73 3.32 1.26
CA ALA A 82 5.99 3.98 1.69
C ALA A 82 6.80 4.41 0.45
N MET A 83 6.96 3.52 -0.52
CA MET A 83 7.81 3.83 -1.68
C MET A 83 7.14 4.95 -2.47
N ALA A 84 5.80 4.97 -2.48
CA ALA A 84 5.02 6.07 -3.10
C ALA A 84 5.34 7.33 -2.31
N GLY A 85 5.21 7.26 -0.99
CA GLY A 85 5.25 8.43 -0.10
C GLY A 85 6.60 9.16 -0.07
N LEU A 86 7.71 8.52 -0.43
CA LEU A 86 9.05 9.19 -0.42
C LEU A 86 9.57 9.35 -1.86
N GLY A 87 8.71 9.12 -2.86
CA GLY A 87 9.03 9.26 -4.29
C GLY A 87 10.16 8.33 -4.73
N ILE A 88 10.09 7.06 -4.37
CA ILE A 88 11.08 6.03 -4.79
C ILE A 88 10.58 5.41 -6.10
N ASP A 89 11.20 5.76 -7.23
CA ASP A 89 10.88 5.19 -8.57
C ASP A 89 11.49 3.78 -8.69
N ASN A 90 12.70 3.60 -8.19
CA ASN A 90 13.56 2.44 -8.56
C ASN A 90 14.13 1.75 -7.31
N ALA A 91 13.96 0.44 -7.21
CA ALA A 91 14.38 -0.34 -6.02
C ALA A 91 14.13 -1.85 -6.19
N TYR A 92 15.08 -2.67 -5.78
CA TYR A 92 14.92 -4.14 -5.70
C TYR A 92 14.55 -4.51 -4.26
N VAL A 93 13.54 -5.35 -4.09
CA VAL A 93 13.06 -5.84 -2.76
C VAL A 93 13.20 -7.38 -2.68
N GLU A 94 14.28 -7.87 -2.10
CA GLU A 94 14.50 -9.34 -1.94
C GLU A 94 13.76 -9.85 -0.71
N LEU A 95 13.14 -11.03 -0.80
CA LEU A 95 12.46 -11.63 0.37
C LEU A 95 12.96 -13.06 0.54
N SER A 96 13.02 -13.49 1.79
CA SER A 96 13.43 -14.87 2.14
C SER A 96 12.21 -15.80 2.05
N ALA A 97 11.00 -15.27 2.00
CA ALA A 97 9.76 -16.09 1.97
C ALA A 97 8.64 -15.34 1.27
N SER A 98 7.44 -15.93 1.25
CA SER A 98 6.31 -15.55 0.37
C SER A 98 5.54 -14.31 0.90
N GLU A 99 5.79 -13.84 2.12
CA GLU A 99 5.07 -12.65 2.63
C GLU A 99 6.06 -11.60 3.11
N VAL A 100 5.77 -10.35 2.75
CA VAL A 100 6.42 -9.11 3.27
C VAL A 100 6.16 -9.06 4.77
N PRO A 101 7.17 -8.73 5.64
CA PRO A 101 6.92 -8.66 7.08
C PRO A 101 5.95 -7.52 7.47
N ILE A 102 5.00 -7.83 8.35
CA ILE A 102 3.95 -6.88 8.84
C ILE A 102 4.57 -5.75 9.65
N MET A 103 5.61 -6.03 10.44
CA MET A 103 6.26 -5.04 11.38
C MET A 103 5.22 -4.55 12.40
N ASP A 104 4.90 -3.25 12.47
CA ASP A 104 3.85 -2.71 13.40
C ASP A 104 2.51 -2.48 12.67
N GLY A 105 2.33 -2.96 11.44
CA GLY A 105 1.06 -2.82 10.69
C GLY A 105 0.91 -1.47 9.98
N SER A 106 1.92 -0.59 10.04
CA SER A 106 1.89 0.72 9.37
C SER A 106 3.04 0.84 8.37
N ALA A 107 3.16 1.98 7.71
CA ALA A 107 4.31 2.30 6.83
C ALA A 107 5.42 2.97 7.64
N GLY A 108 5.28 3.08 8.96
CA GLY A 108 6.29 3.75 9.79
C GLY A 108 7.69 3.18 9.59
N PRO A 109 7.89 1.89 9.96
CA PRO A 109 9.17 1.17 9.79
C PRO A 109 9.80 1.14 8.40
N PHE A 110 8.96 1.08 7.36
CA PHE A 110 9.44 1.12 5.96
C PHE A 110 9.92 2.53 5.61
N VAL A 111 9.22 3.55 6.09
CA VAL A 111 9.50 4.97 5.74
C VAL A 111 10.83 5.35 6.38
N PHE A 112 11.05 4.95 7.63
CA PHE A 112 12.32 5.24 8.33
C PHE A 112 13.46 4.45 7.65
N LEU A 113 13.27 3.15 7.42
CA LEU A 113 14.26 2.25 6.76
C LEU A 113 14.78 2.87 5.47
N ILE A 114 13.87 3.37 4.64
CA ILE A 114 14.19 4.00 3.32
C ILE A 114 15.00 5.27 3.58
N GLN A 115 14.60 6.07 4.57
CA GLN A 115 15.37 7.29 4.90
C GLN A 115 16.77 6.92 5.36
N SER A 116 16.91 5.79 6.04
CA SER A 116 18.21 5.28 6.53
C SER A 116 19.13 4.88 5.36
N ALA A 117 18.57 4.57 4.19
CA ALA A 117 19.35 4.29 2.96
C ALA A 117 20.04 5.57 2.47
N GLY A 118 19.30 6.69 2.51
CA GLY A 118 19.61 7.92 1.77
C GLY A 118 18.94 7.90 0.42
N LEU A 119 18.85 9.06 -0.24
CA LEU A 119 18.19 9.22 -1.56
C LEU A 119 19.22 9.52 -2.66
N GLN A 120 19.21 8.73 -3.72
CA GLN A 120 20.07 8.91 -4.92
C GLN A 120 19.22 9.52 -6.03
N GLU A 121 19.49 10.78 -6.38
CA GLU A 121 18.94 11.41 -7.61
C GLU A 121 19.72 10.86 -8.81
N GLN A 122 19.00 10.20 -9.71
CA GLN A 122 19.56 9.50 -10.89
C GLN A 122 19.46 10.42 -12.11
N GLU A 123 20.30 10.16 -13.12
CA GLU A 123 20.40 11.00 -14.34
C GLU A 123 19.36 10.56 -15.36
N ALA A 124 18.11 10.99 -15.14
CA ALA A 124 16.89 10.59 -15.90
C ALA A 124 15.63 11.30 -15.36
N ALA A 125 14.85 11.91 -16.25
CA ALA A 125 13.66 12.72 -15.89
C ALA A 125 12.56 11.81 -15.31
N LYS A 126 11.96 12.21 -14.19
CA LYS A 126 10.91 11.42 -13.50
C LYS A 126 9.63 11.40 -14.33
N LYS A 127 8.92 10.28 -14.33
CA LYS A 127 7.64 10.12 -15.05
C LYS A 127 6.44 10.02 -14.10
N PHE A 128 5.35 10.65 -14.51
CA PHE A 128 4.07 10.74 -13.76
C PHE A 128 2.97 10.23 -14.68
N ILE A 129 1.97 9.55 -14.14
CA ILE A 129 0.74 9.26 -14.91
C ILE A 129 -0.29 10.29 -14.48
N ARG A 130 -0.74 11.10 -15.43
CA ARG A 130 -1.71 12.20 -15.23
C ARG A 130 -3.10 11.73 -15.70
N ILE A 131 -4.12 11.99 -14.88
CA ILE A 131 -5.53 11.62 -15.16
C ILE A 131 -6.13 12.73 -16.02
N LYS A 132 -6.76 12.36 -17.15
CA LYS A 132 -7.31 13.30 -18.16
C LYS A 132 -8.85 13.30 -18.13
N ARG A 133 -9.46 12.16 -17.83
CA ARG A 133 -10.94 12.02 -17.72
C ARG A 133 -11.31 11.37 -16.39
N GLU A 134 -12.60 11.51 -16.02
CA GLU A 134 -13.25 10.74 -14.94
C GLU A 134 -13.12 9.25 -15.25
N VAL A 135 -12.75 8.41 -14.27
CA VAL A 135 -12.92 6.93 -14.36
C VAL A 135 -13.44 6.45 -13.02
N SER A 136 -14.41 5.55 -13.02
CA SER A 136 -14.94 4.94 -11.78
C SER A 136 -15.42 3.50 -12.02
N VAL A 137 -15.49 2.75 -10.94
CA VAL A 137 -16.00 1.35 -10.88
C VAL A 137 -16.91 1.24 -9.66
N GLU A 138 -18.00 0.50 -9.74
CA GLU A 138 -18.94 0.31 -8.60
C GLU A 138 -19.16 -1.19 -8.37
N GLU A 139 -19.47 -1.58 -7.15
CA GLU A 139 -19.94 -2.98 -6.90
C GLU A 139 -20.81 -3.00 -5.65
N GLY A 140 -22.12 -3.10 -5.85
CA GLY A 140 -23.10 -2.89 -4.77
C GLY A 140 -22.96 -1.48 -4.25
N ASP A 141 -22.86 -1.31 -2.93
CA ASP A 141 -22.77 0.02 -2.27
C ASP A 141 -21.35 0.60 -2.41
N LYS A 142 -20.37 -0.18 -2.90
CA LYS A 142 -18.94 0.22 -2.99
C LYS A 142 -18.66 1.06 -4.26
N ARG A 143 -17.67 1.94 -4.19
CA ARG A 143 -17.28 2.86 -5.30
C ARG A 143 -15.85 3.38 -5.14
N ALA A 144 -15.10 3.42 -6.25
CA ALA A 144 -13.74 3.98 -6.37
C ALA A 144 -13.65 4.80 -7.67
N VAL A 145 -12.98 5.96 -7.61
CA VAL A 145 -12.98 6.93 -8.76
C VAL A 145 -11.69 7.74 -8.84
N PHE A 146 -11.16 7.89 -10.05
CA PHE A 146 -10.08 8.86 -10.40
C PHE A 146 -10.68 10.08 -11.08
N VAL A 147 -10.35 11.26 -10.58
CA VAL A 147 -10.78 12.56 -11.17
C VAL A 147 -9.50 13.32 -11.51
N PRO A 148 -9.49 14.14 -12.59
CA PRO A 148 -8.34 15.01 -12.85
C PRO A 148 -8.11 16.07 -11.76
N PHE A 149 -6.85 16.49 -11.56
CA PHE A 149 -6.40 17.40 -10.48
C PHE A 149 -4.92 17.75 -10.68
N ASP A 150 -4.58 19.03 -10.59
CA ASP A 150 -3.17 19.49 -10.67
C ASP A 150 -2.58 19.43 -9.25
N GLY A 151 -2.23 18.22 -8.82
CA GLY A 151 -1.74 17.86 -7.48
C GLY A 151 -1.82 16.35 -7.26
N PHE A 152 -1.92 15.91 -6.01
CA PHE A 152 -2.25 14.52 -5.66
C PHE A 152 -3.09 14.55 -4.41
N LYS A 153 -4.35 14.16 -4.49
CA LYS A 153 -5.30 14.29 -3.35
C LYS A 153 -6.10 12.99 -3.23
N VAL A 154 -6.06 12.38 -2.05
CA VAL A 154 -6.75 11.12 -1.72
C VAL A 154 -7.82 11.42 -0.66
N SER A 155 -9.02 10.87 -0.85
CA SER A 155 -10.15 10.86 0.11
C SER A 155 -10.70 9.44 0.29
N PHE A 156 -11.30 9.17 1.43
CA PHE A 156 -11.84 7.82 1.70
C PHE A 156 -13.01 7.92 2.68
N GLU A 157 -13.92 6.96 2.62
CA GLU A 157 -15.03 6.80 3.60
C GLU A 157 -15.26 5.30 3.87
N ILE A 158 -15.54 4.97 5.13
CA ILE A 158 -15.93 3.59 5.55
C ILE A 158 -17.32 3.71 6.17
N ASP A 159 -17.96 2.58 6.47
CA ASP A 159 -19.40 2.52 6.86
C ASP A 159 -19.62 1.31 7.78
N PHE A 160 -18.92 1.25 8.90
CA PHE A 160 -19.04 0.13 9.86
C PHE A 160 -20.09 0.43 10.94
N ASP A 161 -20.55 -0.59 11.65
CA ASP A 161 -21.48 -0.46 12.80
C ASP A 161 -20.71 -0.83 14.07
N HIS A 162 -20.33 0.16 14.88
CA HIS A 162 -19.56 -0.11 16.13
C HIS A 162 -19.54 1.08 17.07
N PRO A 163 -19.64 0.83 18.40
CA PRO A 163 -19.49 1.87 19.43
C PRO A 163 -18.38 2.91 19.19
N VAL A 164 -17.22 2.41 18.76
CA VAL A 164 -15.96 3.17 18.45
C VAL A 164 -16.22 4.28 17.42
N PHE A 165 -17.15 4.10 16.50
CA PHE A 165 -17.49 5.15 15.49
C PHE A 165 -18.64 6.02 15.95
N ARG A 166 -19.15 5.87 17.17
CA ARG A 166 -20.31 6.69 17.60
C ARG A 166 -19.86 8.16 17.63
N GLY A 167 -20.63 9.01 16.94
CA GLY A 167 -20.41 10.47 16.81
C GLY A 167 -19.57 10.85 15.60
N ARG A 168 -18.99 9.89 14.86
CA ARG A 168 -17.92 10.17 13.87
C ARG A 168 -18.38 10.06 12.42
N THR A 169 -17.74 10.81 11.53
CA THR A 169 -18.02 10.87 10.08
C THR A 169 -17.51 9.60 9.38
N GLN A 170 -16.45 8.96 9.90
CA GLN A 170 -15.70 7.87 9.22
C GLN A 170 -15.20 8.41 7.86
N GLN A 171 -14.70 9.64 7.81
CA GLN A 171 -14.36 10.36 6.55
C GLN A 171 -13.06 11.14 6.76
N ALA A 172 -12.13 11.07 5.80
CA ALA A 172 -10.85 11.82 5.83
C ALA A 172 -10.41 12.15 4.41
N SER A 173 -10.02 13.41 4.21
CA SER A 173 -9.30 13.86 3.00
C SER A 173 -7.88 14.27 3.37
N VAL A 174 -6.99 14.14 2.39
CA VAL A 174 -5.58 14.57 2.48
C VAL A 174 -5.09 15.05 1.12
N ASP A 175 -4.79 16.34 1.02
CA ASP A 175 -4.10 16.99 -0.13
C ASP A 175 -2.61 17.05 0.19
N PHE A 176 -1.77 16.33 -0.57
CA PHE A 176 -0.32 16.15 -0.27
C PHE A 176 0.51 17.37 -0.68
N SER A 177 -0.08 18.43 -1.26
CA SER A 177 0.62 19.72 -1.41
C SER A 177 0.80 20.35 -0.02
N SER A 178 -0.24 20.32 0.81
CA SER A 178 -0.37 21.03 2.10
C SER A 178 -0.24 20.11 3.33
N THR A 179 -0.08 18.79 3.20
CA THR A 179 0.14 17.89 4.38
C THR A 179 1.28 16.89 4.12
N SER A 180 1.82 16.33 5.20
CA SER A 180 2.90 15.31 5.19
C SER A 180 2.31 13.89 5.24
N PHE A 181 2.72 13.07 4.26
CA PHE A 181 2.45 11.61 4.25
C PHE A 181 2.96 11.00 5.56
N VAL A 182 4.25 11.19 5.79
CA VAL A 182 5.01 10.56 6.91
C VAL A 182 4.32 10.92 8.23
N LYS A 183 3.93 12.19 8.41
CA LYS A 183 3.36 12.66 9.70
C LYS A 183 1.90 12.21 9.79
N GLU A 184 1.09 12.59 8.81
CA GLU A 184 -0.38 12.49 8.95
C GLU A 184 -0.91 11.13 8.49
N VAL A 185 -0.17 10.33 7.69
CA VAL A 185 -0.69 9.02 7.20
C VAL A 185 0.21 7.84 7.63
N SER A 186 1.53 7.93 7.55
CA SER A 186 2.41 6.73 7.53
C SER A 186 2.17 5.80 8.73
N ARG A 187 1.80 6.35 9.89
CA ARG A 187 1.72 5.64 11.20
C ARG A 187 0.40 4.85 11.41
N ALA A 188 -0.63 5.02 10.57
CA ALA A 188 -1.93 4.37 10.84
C ALA A 188 -1.81 2.86 10.68
N ARG A 189 -2.28 2.09 11.65
CA ARG A 189 -2.09 0.62 11.64
C ARG A 189 -3.29 -0.16 11.07
N THR A 190 -3.00 -1.38 10.63
CA THR A 190 -3.93 -2.44 10.13
C THR A 190 -4.95 -2.73 11.24
N PHE A 191 -6.22 -2.87 10.93
CA PHE A 191 -7.22 -3.11 11.99
C PHE A 191 -8.05 -4.36 11.70
N GLY A 192 -8.71 -4.88 12.73
CA GLY A 192 -9.53 -6.10 12.61
C GLY A 192 -10.51 -6.31 13.77
N PHE A 193 -11.76 -6.63 13.46
CA PHE A 193 -12.75 -7.02 14.48
C PHE A 193 -12.53 -8.50 14.81
N MET A 194 -12.66 -8.86 16.08
CA MET A 194 -12.50 -10.26 16.59
C MET A 194 -13.14 -11.27 15.62
N ARG A 195 -14.41 -11.08 15.26
CA ARG A 195 -15.16 -12.08 14.45
C ARG A 195 -14.43 -12.30 13.12
N ASP A 196 -14.11 -11.22 12.42
CA ASP A 196 -13.36 -11.26 11.14
C ASP A 196 -12.07 -12.04 11.32
N ILE A 197 -11.32 -11.77 12.41
CA ILE A 197 -10.01 -12.40 12.68
C ILE A 197 -10.21 -13.91 12.91
N GLU A 198 -11.20 -14.32 13.71
CA GLU A 198 -11.47 -15.75 14.02
C GLU A 198 -11.83 -16.53 12.74
N TYR A 199 -12.59 -15.91 11.81
CA TYR A 199 -12.97 -16.50 10.49
C TYR A 199 -11.74 -16.68 9.59
N LEU A 200 -10.71 -15.84 9.75
CA LEU A 200 -9.44 -16.00 8.99
C LEU A 200 -8.67 -17.17 9.61
N ARG A 201 -8.57 -17.22 10.94
CA ARG A 201 -7.76 -18.24 11.67
C ARG A 201 -8.36 -19.64 11.50
N SER A 202 -9.64 -19.75 11.17
CA SER A 202 -10.28 -21.05 10.83
C SER A 202 -9.87 -21.48 9.41
N GLN A 203 -9.56 -20.53 8.51
CA GLN A 203 -9.18 -20.82 7.10
C GLN A 203 -7.65 -20.84 6.94
N ASN A 204 -6.89 -20.91 8.04
CA ASN A 204 -5.39 -20.99 8.09
C ASN A 204 -4.76 -19.65 7.67
N LEU A 205 -5.43 -18.54 7.99
CA LEU A 205 -4.95 -17.15 7.69
C LEU A 205 -4.89 -16.32 8.98
N ALA A 206 -4.27 -15.14 8.90
CA ALA A 206 -4.06 -14.16 10.00
C ALA A 206 -3.12 -14.70 11.07
N LEU A 207 -2.15 -15.55 10.72
CA LEU A 207 -1.42 -16.41 11.70
C LEU A 207 -0.40 -15.60 12.51
N GLY A 208 0.26 -14.58 11.92
CA GLY A 208 1.22 -13.69 12.61
C GLY A 208 0.54 -12.53 13.34
N GLY A 209 -0.77 -12.39 13.21
CA GLY A 209 -1.51 -11.22 13.73
C GLY A 209 -1.69 -11.28 15.24
N SER A 210 -1.58 -10.12 15.89
CA SER A 210 -1.95 -9.92 17.32
C SER A 210 -1.96 -8.41 17.61
N VAL A 211 -2.15 -8.03 18.87
CA VAL A 211 -2.16 -6.60 19.31
C VAL A 211 -0.77 -5.94 19.17
N GLU A 212 0.31 -6.69 18.91
CA GLU A 212 1.66 -6.09 18.68
C GLU A 212 1.76 -5.50 17.26
N ASN A 213 1.01 -6.03 16.30
CA ASN A 213 1.19 -5.65 14.86
C ASN A 213 -0.13 -5.21 14.24
N ALA A 214 -1.17 -4.98 15.04
CA ALA A 214 -2.49 -4.58 14.53
C ALA A 214 -3.36 -4.10 15.69
N ILE A 215 -4.37 -3.29 15.37
CA ILE A 215 -5.44 -2.87 16.30
C ILE A 215 -6.51 -3.96 16.31
N VAL A 216 -6.85 -4.48 17.47
CA VAL A 216 -7.93 -5.49 17.60
C VAL A 216 -9.13 -4.88 18.36
N VAL A 217 -10.35 -5.26 17.96
CA VAL A 217 -11.64 -4.68 18.43
C VAL A 217 -12.60 -5.80 18.84
N ASP A 218 -13.22 -5.72 20.02
CA ASP A 218 -14.27 -6.67 20.45
C ASP A 218 -15.64 -5.98 20.29
N GLU A 219 -16.71 -6.60 20.77
CA GLU A 219 -18.08 -6.02 20.72
C GLU A 219 -18.14 -4.61 21.34
N ASN A 220 -17.18 -4.29 22.22
CA ASN A 220 -17.17 -3.05 23.03
C ASN A 220 -16.11 -2.05 22.56
N ARG A 221 -14.86 -2.46 22.43
CA ARG A 221 -13.72 -1.49 22.41
C ARG A 221 -12.48 -2.04 21.69
N VAL A 222 -11.55 -1.11 21.45
CA VAL A 222 -10.12 -1.39 21.10
C VAL A 222 -9.46 -2.10 22.30
N LEU A 223 -8.86 -3.27 22.07
CA LEU A 223 -8.27 -4.10 23.15
C LEU A 223 -6.86 -3.58 23.48
N ASN A 224 -6.27 -2.77 22.62
CA ASN A 224 -4.85 -2.30 22.74
C ASN A 224 -4.72 -1.32 23.91
N GLU A 225 -3.96 -1.72 24.94
CA GLU A 225 -3.74 -0.97 26.20
C GLU A 225 -3.43 0.50 25.89
N ASP A 226 -2.51 0.78 24.97
CA ASP A 226 -1.99 2.16 24.81
C ASP A 226 -2.89 3.02 23.91
N GLY A 227 -3.84 2.42 23.18
CA GLY A 227 -4.87 3.15 22.40
C GLY A 227 -4.42 3.59 21.01
N LEU A 228 -5.12 4.56 20.43
CA LEU A 228 -5.01 4.90 18.98
C LEU A 228 -3.92 5.97 18.72
N ARG A 229 -3.34 5.95 17.52
CA ARG A 229 -2.29 6.92 17.08
C ARG A 229 -2.93 8.16 16.46
N TYR A 230 -4.15 8.03 15.94
CA TYR A 230 -4.98 9.17 15.48
C TYR A 230 -6.42 8.90 15.91
N GLU A 231 -7.21 9.97 15.97
CA GLU A 231 -8.66 9.86 16.30
C GLU A 231 -9.41 9.16 15.16
N ASP A 232 -8.81 9.06 13.98
CA ASP A 232 -9.44 8.55 12.75
C ASP A 232 -8.43 7.58 12.11
N GLU A 233 -7.83 6.70 12.91
CA GLU A 233 -6.73 5.80 12.47
C GLU A 233 -7.23 4.77 11.43
N PHE A 234 -8.46 4.30 11.56
CA PHE A 234 -9.02 3.21 10.73
C PHE A 234 -9.15 3.71 9.30
N VAL A 235 -9.85 4.81 9.08
CA VAL A 235 -10.05 5.40 7.72
C VAL A 235 -8.71 5.91 7.17
N LYS A 236 -7.84 6.41 8.05
CA LYS A 236 -6.47 6.83 7.67
C LYS A 236 -5.69 5.66 7.07
N HIS A 237 -5.88 4.46 7.60
CA HIS A 237 -5.21 3.23 7.10
C HIS A 237 -5.77 2.82 5.74
N LYS A 238 -7.08 2.95 5.51
CA LYS A 238 -7.67 2.70 4.17
C LYS A 238 -7.01 3.64 3.16
N ILE A 239 -6.74 4.90 3.52
CA ILE A 239 -6.01 5.87 2.63
C ILE A 239 -4.58 5.37 2.41
N LEU A 240 -3.89 4.92 3.45
CA LEU A 240 -2.51 4.39 3.29
C LEU A 240 -2.54 3.19 2.34
N ASP A 241 -3.52 2.30 2.50
CA ASP A 241 -3.70 1.13 1.59
C ASP A 241 -3.87 1.61 0.16
N ALA A 242 -4.88 2.45 -0.11
CA ALA A 242 -5.18 3.04 -1.43
C ALA A 242 -3.87 3.54 -2.08
N ILE A 243 -3.04 4.27 -1.34
CA ILE A 243 -1.79 4.89 -1.87
C ILE A 243 -0.82 3.80 -2.32
N GLY A 244 -0.83 2.63 -1.67
CA GLY A 244 0.03 1.49 -2.03
C GLY A 244 -0.49 0.82 -3.28
N ASP A 245 -1.79 0.55 -3.31
CA ASP A 245 -2.47 -0.04 -4.49
C ASP A 245 -2.33 0.87 -5.71
N LEU A 246 -2.42 2.20 -5.59
CA LEU A 246 -2.23 3.09 -6.77
C LEU A 246 -0.79 2.95 -7.30
N TYR A 247 0.23 2.76 -6.47
CA TYR A 247 1.64 2.79 -6.92
C TYR A 247 1.92 1.59 -7.85
N LEU A 248 1.01 0.63 -7.94
CA LEU A 248 1.06 -0.44 -8.97
C LEU A 248 0.92 0.11 -10.40
N LEU A 249 0.51 1.37 -10.63
CA LEU A 249 0.56 1.96 -12.00
C LEU A 249 2.03 2.06 -12.48
N GLY A 250 3.01 1.99 -11.57
CA GLY A 250 4.46 2.00 -11.88
C GLY A 250 5.04 3.40 -11.81
N ASN A 251 4.21 4.42 -11.58
CA ASN A 251 4.65 5.83 -11.51
C ASN A 251 3.73 6.58 -10.57
N SER A 252 4.21 7.76 -10.15
CA SER A 252 3.52 8.72 -9.27
C SER A 252 2.36 9.38 -10.03
N LEU A 253 1.38 9.88 -9.29
CA LEU A 253 0.06 10.21 -9.86
C LEU A 253 -0.19 11.72 -9.84
N ILE A 254 -0.56 12.28 -10.99
CA ILE A 254 -1.13 13.66 -11.02
C ILE A 254 -2.65 13.54 -11.15
N GLY A 255 -3.37 13.62 -10.03
CA GLY A 255 -4.83 13.47 -10.03
C GLY A 255 -5.37 13.31 -8.63
N GLU A 256 -6.63 12.92 -8.53
CA GLU A 256 -7.38 12.76 -7.26
C GLU A 256 -8.08 11.40 -7.21
N PHE A 257 -8.04 10.72 -6.07
CA PHE A 257 -8.74 9.42 -5.85
C PHE A 257 -9.82 9.65 -4.78
N ARG A 258 -10.94 8.94 -4.88
CA ARG A 258 -11.97 8.89 -3.80
C ARG A 258 -12.47 7.45 -3.65
N GLY A 259 -12.36 6.87 -2.46
CA GLY A 259 -12.94 5.55 -2.14
C GLY A 259 -14.20 5.66 -1.26
N PHE A 260 -15.20 4.81 -1.51
CA PHE A 260 -16.37 4.63 -0.62
C PHE A 260 -16.48 3.15 -0.31
N LYS A 261 -16.00 2.71 0.85
CA LYS A 261 -16.17 1.31 1.36
C LYS A 261 -15.40 0.30 0.51
N SER A 262 -14.35 0.73 -0.20
CA SER A 262 -13.62 -0.13 -1.17
C SER A 262 -12.39 -0.73 -0.52
N GLY A 263 -11.87 -1.77 -1.15
CA GLY A 263 -10.73 -2.52 -0.62
C GLY A 263 -9.76 -2.90 -1.71
N HIS A 264 -9.06 -4.01 -1.50
CA HIS A 264 -7.92 -4.40 -2.35
C HIS A 264 -8.46 -4.76 -3.73
N ALA A 265 -9.60 -5.46 -3.79
CA ALA A 265 -10.25 -5.92 -5.04
C ALA A 265 -10.74 -4.73 -5.89
N LEU A 266 -11.60 -3.86 -5.36
CA LEU A 266 -12.19 -2.74 -6.15
C LEU A 266 -11.09 -1.75 -6.54
N ASN A 267 -10.17 -1.44 -5.62
CA ASN A 267 -8.98 -0.61 -5.93
C ASN A 267 -8.29 -1.18 -7.19
N ASN A 268 -8.17 -2.51 -7.31
CA ASN A 268 -7.41 -3.10 -8.45
C ASN A 268 -8.22 -3.04 -9.75
N GLN A 269 -9.55 -3.19 -9.66
CA GLN A 269 -10.47 -3.10 -10.83
C GLN A 269 -10.35 -1.72 -11.46
N LEU A 270 -10.27 -0.66 -10.62
CA LEU A 270 -10.12 0.76 -11.05
C LEU A 270 -8.84 0.94 -11.88
N LEU A 271 -7.74 0.28 -11.50
CA LEU A 271 -6.43 0.43 -12.19
C LEU A 271 -6.59 -0.10 -13.61
N ARG A 272 -7.12 -1.30 -13.68
CA ARG A 272 -7.25 -2.07 -14.93
C ARG A 272 -8.17 -1.31 -15.87
N THR A 273 -9.27 -0.77 -15.34
CA THR A 273 -10.29 -0.02 -16.12
C THR A 273 -9.68 1.29 -16.63
N LEU A 274 -8.91 1.97 -15.80
CA LEU A 274 -8.20 3.20 -16.21
C LEU A 274 -7.19 2.85 -17.31
N ILE A 275 -6.28 1.91 -17.01
CA ILE A 275 -5.18 1.47 -17.93
C ILE A 275 -5.79 1.15 -19.31
N ALA A 276 -6.86 0.36 -19.32
CA ALA A 276 -7.62 -0.07 -20.53
C ALA A 276 -8.18 1.13 -21.33
N ASP A 277 -8.66 2.17 -20.66
CA ASP A 277 -9.20 3.42 -21.24
C ASP A 277 -8.03 4.37 -21.52
N LYS A 278 -7.34 4.18 -22.65
CA LYS A 278 -6.11 4.91 -23.00
C LYS A 278 -6.31 6.42 -23.01
N ASP A 279 -7.46 6.90 -23.46
CA ASP A 279 -7.75 8.35 -23.60
C ASP A 279 -7.91 9.07 -22.27
N ALA A 280 -7.97 8.36 -21.15
CA ALA A 280 -8.16 8.94 -19.79
C ALA A 280 -6.82 9.22 -19.10
N TRP A 281 -5.68 8.82 -19.70
CA TRP A 281 -4.34 9.02 -19.06
C TRP A 281 -3.25 9.31 -20.10
N GLU A 282 -2.10 9.76 -19.61
CA GLU A 282 -0.89 10.03 -20.42
C GLU A 282 0.33 10.10 -19.51
N VAL A 283 1.47 9.64 -20.00
CA VAL A 283 2.75 9.77 -19.26
C VAL A 283 3.37 11.13 -19.59
N VAL A 284 3.93 11.80 -18.58
CA VAL A 284 4.44 13.20 -18.71
C VAL A 284 5.67 13.40 -17.82
N THR A 285 6.60 14.23 -18.28
CA THR A 285 7.82 14.64 -17.53
C THR A 285 7.83 16.16 -17.35
N PHE A 286 8.88 16.70 -16.72
CA PHE A 286 9.03 18.17 -16.55
C PHE A 286 10.48 18.57 -16.82
CL1 FZ3 B . -4.94 -9.38 13.87
C01 FZ3 B . -5.46 -9.02 12.27
C02 FZ3 B . -6.28 -7.93 12.10
C03 FZ3 B . -6.73 -7.58 10.84
C04 FZ3 B . -6.39 -8.31 9.71
C05 FZ3 B . -5.55 -9.42 9.89
C06 FZ3 B . -5.08 -9.76 11.17
C07 FZ3 B . -6.92 -7.91 8.47
C08 FZ3 B . -5.81 -7.32 7.59
C09 FZ3 B . -6.31 -6.44 6.46
N10 FZ3 B . -5.16 -5.68 5.92
C11 FZ3 B . -3.99 -6.21 5.58
C12 FZ3 B . -3.18 -5.23 5.15
N13 FZ3 B . -3.85 -4.09 5.27
C14 FZ3 B . -5.06 -4.36 5.75
S DMS C . -11.01 5.22 14.90
O DMS C . -10.83 5.31 13.43
C1 DMS C . -12.58 5.99 15.24
C2 DMS C . -11.52 3.57 15.26
ZN ZN D . -3.32 -2.24 5.23
#